data_1S2I
#
_entry.id   1S2I
#
_cell.length_a   79.587
_cell.length_b   79.587
_cell.length_c   184.973
_cell.angle_alpha   90.00
_cell.angle_beta   90.00
_cell.angle_gamma   90.00
#
_symmetry.space_group_name_H-M   'P 43 21 2'
#
loop_
_entity.id
_entity.type
_entity.pdbx_description
1 polymer 'purine trans deoxyribosylase'
2 non-polymer 6-BROMO-7H-PURINE
3 water water
#
_entity_poly.entity_id   1
_entity_poly.type   'polypeptide(L)'
_entity_poly.pdbx_seq_one_letter_code
;MKAVVPTGKIYLGSPFYSDAQRERAAKAKELLAKNPSIAHVFFPFDDGFTDPDEKNPEIGGIRSMVWRDATYQNDLTGIS
NATCGVFLYDMDQLDDGSAFEIGFMRAMHKPVILVPFTEHPEKEKKMNLMIAQGVTTIIDGNTEFEKLADYNFNECPSNP
VRGYGIY
;
_entity_poly.pdbx_strand_id   A,B,C
#
loop_
_chem_comp.id
_chem_comp.type
_chem_comp.name
_chem_comp.formula
BP1 non-polymer 6-BROMO-7H-PURINE 'C5 H3 Br N4'
#
# COMPACT_ATOMS: atom_id res chain seq x y z
N MET A 1 -13.09 9.64 -9.87
CA MET A 1 -13.17 8.46 -8.96
C MET A 1 -13.25 7.14 -9.75
N LYS A 2 -13.45 7.24 -11.06
CA LYS A 2 -13.53 6.06 -11.92
C LYS A 2 -12.13 5.57 -12.29
N ALA A 3 -11.78 4.39 -11.77
CA ALA A 3 -10.47 3.78 -12.00
C ALA A 3 -10.14 3.65 -13.47
N VAL A 4 -8.87 3.81 -13.79
CA VAL A 4 -8.39 3.66 -15.15
C VAL A 4 -8.20 2.16 -15.31
N VAL A 5 -7.85 1.51 -14.20
CA VAL A 5 -7.66 0.05 -14.14
C VAL A 5 -8.13 -0.45 -12.77
N PRO A 6 -8.49 -1.74 -12.67
CA PRO A 6 -8.93 -2.25 -11.37
C PRO A 6 -7.76 -2.14 -10.40
N THR A 7 -8.04 -1.65 -9.19
CA THR A 7 -6.98 -1.51 -8.20
C THR A 7 -7.25 -2.38 -6.96
N GLY A 8 -8.52 -2.64 -6.66
CA GLY A 8 -8.87 -3.47 -5.52
C GLY A 8 -8.06 -4.74 -5.42
N LYS A 9 -7.37 -4.91 -4.30
CA LYS A 9 -6.58 -6.10 -4.05
C LYS A 9 -7.15 -6.67 -2.78
N ILE A 10 -7.87 -7.77 -2.94
CA ILE A 10 -8.58 -8.45 -1.88
C ILE A 10 -7.87 -9.58 -1.15
N TYR A 11 -7.89 -9.50 0.17
CA TYR A 11 -7.37 -10.56 1.01
C TYR A 11 -8.67 -11.20 1.44
N LEU A 12 -8.91 -12.42 0.98
CA LEU A 12 -10.13 -13.13 1.33
C LEU A 12 -9.84 -14.12 2.44
N GLY A 13 -10.24 -13.76 3.66
CA GLY A 13 -10.02 -14.61 4.80
C GLY A 13 -11.30 -15.27 5.29
N SER A 14 -11.20 -16.57 5.60
CA SER A 14 -12.33 -17.33 6.09
C SER A 14 -11.90 -18.68 6.67
N PRO A 15 -12.74 -19.29 7.50
CA PRO A 15 -12.31 -20.59 8.05
C PRO A 15 -12.43 -21.59 6.89
N PHE A 16 -11.70 -22.69 6.91
CA PHE A 16 -11.80 -23.65 5.79
C PHE A 16 -11.92 -25.06 6.36
N TYR A 17 -12.69 -25.17 7.43
CA TYR A 17 -12.85 -26.42 8.16
C TYR A 17 -14.10 -27.21 7.83
N SER A 18 -15.26 -26.58 7.77
CA SER A 18 -16.45 -27.35 7.42
C SER A 18 -16.75 -27.24 5.91
N ASP A 19 -17.59 -28.13 5.40
CA ASP A 19 -17.98 -28.13 3.98
C ASP A 19 -18.72 -26.84 3.65
N ALA A 20 -19.50 -26.37 4.62
CA ALA A 20 -20.27 -25.15 4.44
C ALA A 20 -19.27 -24.02 4.25
N GLN A 21 -18.30 -23.94 5.16
CA GLN A 21 -17.27 -22.91 5.09
C GLN A 21 -16.50 -23.05 3.79
N ARG A 22 -16.34 -24.29 3.31
CA ARG A 22 -15.62 -24.47 2.07
C ARG A 22 -16.50 -24.07 0.89
N GLU A 23 -17.81 -24.06 1.10
CA GLU A 23 -18.74 -23.68 0.05
C GLU A 23 -18.80 -22.16 -0.08
N ARG A 24 -18.95 -21.48 1.05
CA ARG A 24 -18.97 -20.01 1.04
C ARG A 24 -17.72 -19.52 0.32
N ALA A 25 -16.56 -19.97 0.76
CA ALA A 25 -15.30 -19.56 0.13
C ALA A 25 -15.40 -19.77 -1.38
N ALA A 26 -15.90 -20.94 -1.77
CA ALA A 26 -16.04 -21.26 -3.19
C ALA A 26 -16.90 -20.23 -3.93
N LYS A 27 -18.01 -19.83 -3.31
CA LYS A 27 -18.93 -18.87 -3.90
C LYS A 27 -18.29 -17.49 -3.98
N ALA A 28 -17.71 -17.04 -2.87
CA ALA A 28 -17.09 -15.72 -2.85
C ALA A 28 -16.11 -15.55 -4.00
N LYS A 29 -15.20 -16.50 -4.17
CA LYS A 29 -14.21 -16.44 -5.24
C LYS A 29 -14.89 -16.14 -6.56
N GLU A 30 -16.02 -16.80 -6.82
CA GLU A 30 -16.75 -16.61 -8.06
C GLU A 30 -17.41 -15.24 -8.13
N LEU A 31 -18.04 -14.84 -7.04
CA LEU A 31 -18.71 -13.53 -6.98
C LEU A 31 -17.68 -12.40 -7.21
N LEU A 32 -16.58 -12.43 -6.47
CA LEU A 32 -15.53 -11.44 -6.61
C LEU A 32 -14.97 -11.50 -8.02
N ALA A 33 -15.00 -12.70 -8.62
CA ALA A 33 -14.49 -12.90 -9.97
C ALA A 33 -15.28 -12.08 -10.99
N LYS A 34 -16.51 -11.69 -10.65
CA LYS A 34 -17.32 -10.92 -11.57
C LYS A 34 -17.29 -9.43 -11.30
N ASN A 35 -16.61 -9.02 -10.23
CA ASN A 35 -16.51 -7.61 -9.89
C ASN A 35 -15.40 -6.99 -10.72
N PRO A 36 -15.73 -5.92 -11.48
CA PRO A 36 -14.78 -5.22 -12.35
C PRO A 36 -13.80 -4.28 -11.62
N SER A 37 -14.02 -4.05 -10.33
CA SER A 37 -13.16 -3.17 -9.54
C SER A 37 -12.00 -3.92 -8.88
N ILE A 38 -11.97 -5.23 -9.09
CA ILE A 38 -10.94 -6.08 -8.50
C ILE A 38 -9.80 -6.41 -9.45
N ALA A 39 -8.56 -6.21 -8.97
CA ALA A 39 -7.37 -6.48 -9.77
C ALA A 39 -6.79 -7.85 -9.40
N HIS A 40 -7.04 -8.27 -8.16
CA HIS A 40 -6.53 -9.53 -7.66
C HIS A 40 -7.17 -9.99 -6.34
N VAL A 41 -7.24 -11.30 -6.16
CA VAL A 41 -7.80 -11.87 -4.95
C VAL A 41 -6.81 -12.88 -4.39
N PHE A 42 -6.61 -12.83 -3.07
CA PHE A 42 -5.72 -13.76 -2.41
C PHE A 42 -6.48 -14.59 -1.38
N PHE A 43 -6.36 -15.91 -1.47
CA PHE A 43 -7.02 -16.80 -0.52
C PHE A 43 -5.97 -17.69 0.11
N PRO A 44 -5.75 -17.53 1.43
CA PRO A 44 -4.77 -18.27 2.22
C PRO A 44 -4.64 -19.77 1.95
N PHE A 45 -5.75 -20.47 1.87
CA PHE A 45 -5.72 -21.92 1.66
C PHE A 45 -5.41 -22.45 0.26
N ASP A 46 -5.24 -21.55 -0.71
CA ASP A 46 -4.88 -21.99 -2.06
C ASP A 46 -3.42 -22.42 -2.06
N GLY A 48 -0.47 -24.09 -0.94
CA GLY A 48 0.33 -23.87 0.26
C GLY A 48 1.84 -24.05 0.13
N PHE A 49 2.54 -24.01 1.28
CA PHE A 49 3.99 -24.16 1.31
C PHE A 49 4.36 -25.59 1.68
N THR A 50 5.52 -26.06 1.25
CA THR A 50 5.97 -27.40 1.57
C THR A 50 7.35 -27.40 2.20
N ASP A 51 7.42 -27.89 3.43
CA ASP A 51 8.69 -27.98 4.13
C ASP A 51 9.28 -29.30 3.65
N PRO A 52 10.30 -29.24 2.78
CA PRO A 52 10.92 -30.48 2.29
C PRO A 52 11.49 -31.35 3.39
N ASP A 53 11.64 -30.78 4.59
CA ASP A 53 12.19 -31.53 5.73
C ASP A 53 11.13 -32.07 6.67
N GLU A 54 9.86 -31.75 6.41
CA GLU A 54 8.77 -32.22 7.27
C GLU A 54 8.35 -33.63 6.79
N LYS A 55 8.61 -34.65 7.60
CA LYS A 55 8.26 -36.03 7.24
C LYS A 55 6.75 -36.25 7.03
N PRO A 57 3.57 -35.00 7.42
CA PRO A 57 2.88 -33.91 8.11
C PRO A 57 1.37 -34.05 8.03
N GLU A 58 0.70 -34.00 9.17
CA GLU A 58 -0.76 -34.11 9.19
C GLU A 58 -1.41 -32.78 9.47
N ILE A 59 -2.57 -32.57 8.85
CA ILE A 59 -3.32 -31.33 9.03
C ILE A 59 -3.91 -31.33 10.42
N GLY A 60 -3.60 -30.30 11.20
CA GLY A 60 -4.12 -30.24 12.55
C GLY A 60 -3.11 -30.86 13.48
N GLY A 61 -2.08 -31.50 12.91
CA GLY A 61 -1.06 -32.10 13.73
C GLY A 61 0.03 -31.13 14.10
N ILE A 62 1.11 -31.65 14.68
CA ILE A 62 2.22 -30.81 15.03
C ILE A 62 2.89 -30.52 13.71
N ARG A 63 3.19 -29.25 13.47
CA ARG A 63 3.82 -28.84 12.22
C ARG A 63 5.18 -28.25 12.54
N SER A 64 6.13 -28.36 11.61
CA SER A 64 7.48 -27.82 11.82
C SER A 64 7.42 -26.31 11.93
N MET A 65 8.39 -25.73 12.63
CA MET A 65 8.44 -24.29 12.80
C MET A 65 8.62 -23.58 11.46
N VAL A 66 9.38 -24.22 10.58
CA VAL A 66 9.65 -23.70 9.25
C VAL A 66 8.35 -23.56 8.46
N TRP A 67 7.52 -24.60 8.48
CA TRP A 67 6.25 -24.56 7.77
C TRP A 67 5.37 -23.52 8.40
N ARG A 68 5.36 -23.48 9.74
CA ARG A 68 4.56 -22.51 10.46
C ARG A 68 4.94 -21.10 10.09
N ASP A 69 6.25 -20.82 10.09
CA ASP A 69 6.72 -19.48 9.74
C ASP A 69 6.38 -19.06 8.32
N ALA A 70 6.59 -19.95 7.36
CA ALA A 70 6.34 -19.62 5.96
C ALA A 70 4.85 -19.41 5.66
N THR A 71 4.01 -20.27 6.22
CA THR A 71 2.58 -20.17 5.98
C THR A 71 2.02 -18.90 6.63
N TYR A 72 2.43 -18.64 7.85
CA TYR A 72 1.94 -17.47 8.57
C TYR A 72 2.36 -16.25 7.78
N GLN A 73 3.61 -16.23 7.33
CA GLN A 73 4.11 -15.09 6.57
C GLN A 73 3.37 -14.92 5.25
N ASN A 74 3.03 -16.03 4.59
CA ASN A 74 2.32 -15.90 3.32
C ASN A 74 1.02 -15.14 3.51
N ASP A 75 0.38 -15.33 4.66
CA ASP A 75 -0.86 -14.62 4.94
C ASP A 75 -0.61 -13.14 5.22
N LEU A 76 0.39 -12.84 6.06
CA LEU A 76 0.71 -11.45 6.35
C LEU A 76 1.10 -10.78 5.04
N THR A 77 1.80 -11.51 4.19
CA THR A 77 2.19 -10.95 2.90
C THR A 77 0.93 -10.67 2.11
N GLY A 78 -0.05 -11.55 2.18
CA GLY A 78 -1.28 -11.29 1.46
C GLY A 78 -1.95 -10.06 2.05
N ILE A 79 -1.86 -9.90 3.37
CA ILE A 79 -2.44 -8.74 4.03
C ILE A 79 -1.71 -7.44 3.62
N SER A 80 -0.39 -7.55 3.48
CA SER A 80 0.44 -6.40 3.08
C SER A 80 0.11 -5.92 1.66
N ASN A 81 0.04 -6.86 0.72
CA ASN A 81 -0.27 -6.54 -0.67
C ASN A 81 -1.72 -6.07 -0.86
N ALA A 82 -2.64 -6.59 -0.07
CA ALA A 82 -4.06 -6.24 -0.21
C ALA A 82 -4.38 -4.78 0.09
N THR A 83 -5.44 -4.28 -0.56
CA THR A 83 -5.86 -2.91 -0.31
C THR A 83 -7.04 -2.99 0.66
N CYS A 84 -7.67 -4.16 0.74
CA CYS A 84 -8.78 -4.34 1.65
C CYS A 84 -9.03 -5.82 2.00
N GLY A 85 -9.81 -6.04 3.04
CA GLY A 85 -10.11 -7.38 3.47
C GLY A 85 -11.57 -7.79 3.37
N VAL A 86 -11.81 -8.99 2.85
CA VAL A 86 -13.17 -9.51 2.76
C VAL A 86 -13.21 -10.75 3.62
N PHE A 87 -14.03 -10.71 4.67
CA PHE A 87 -14.12 -11.83 5.59
C PHE A 87 -15.44 -12.60 5.67
N LEU A 88 -15.41 -13.83 5.14
CA LEU A 88 -16.54 -14.75 5.17
C LEU A 88 -16.53 -15.15 6.62
N TYR A 89 -17.15 -14.33 7.46
CA TYR A 89 -17.19 -14.50 8.91
C TYR A 89 -18.31 -15.39 9.48
N ASP A 90 -17.91 -16.43 10.19
CA ASP A 90 -18.86 -17.37 10.78
C ASP A 90 -19.32 -16.93 12.17
N MET A 91 -20.61 -16.62 12.28
CA MET A 91 -21.16 -16.19 13.56
C MET A 91 -21.51 -17.37 14.47
N ASP A 92 -21.51 -18.59 13.93
CA ASP A 92 -21.83 -19.78 14.71
C ASP A 92 -20.57 -20.41 15.32
N GLN A 93 -19.49 -20.43 14.54
CA GLN A 93 -18.20 -20.96 15.00
C GLN A 93 -17.16 -19.87 14.75
N LEU A 94 -16.89 -19.08 15.77
CA LEU A 94 -15.93 -17.97 15.68
C LEU A 94 -14.52 -18.41 15.37
N ASP A 95 -14.00 -17.97 14.24
CA ASP A 95 -12.64 -18.28 13.84
C ASP A 95 -11.72 -17.19 14.36
N ASP A 96 -10.90 -17.50 15.37
CA ASP A 96 -10.01 -16.48 15.92
C ASP A 96 -8.91 -16.07 14.96
N GLY A 97 -8.63 -16.92 13.97
CA GLY A 97 -7.61 -16.57 12.99
C GLY A 97 -8.12 -15.38 12.21
N SER A 98 -9.34 -15.51 11.68
CA SER A 98 -9.96 -14.44 10.91
C SER A 98 -10.02 -13.16 11.73
N ALA A 99 -10.43 -13.28 12.99
CA ALA A 99 -10.50 -12.12 13.85
C ALA A 99 -9.13 -11.45 13.99
N PHE A 100 -8.10 -12.26 14.24
CA PHE A 100 -6.74 -11.75 14.37
C PHE A 100 -6.40 -10.92 13.13
N GLU A 101 -6.61 -11.51 11.96
CA GLU A 101 -6.32 -10.84 10.70
C GLU A 101 -7.08 -9.54 10.52
N ILE A 102 -8.32 -9.49 11.04
CA ILE A 102 -9.13 -8.28 10.93
C ILE A 102 -8.48 -7.20 11.79
N GLY A 103 -8.07 -7.55 13.01
CA GLY A 103 -7.43 -6.58 13.88
C GLY A 103 -6.12 -6.09 13.30
N PHE A 104 -5.41 -7.00 12.62
CA PHE A 104 -4.14 -6.68 12.00
C PHE A 104 -4.34 -5.63 10.90
N MET A 105 -5.30 -5.90 10.01
CA MET A 105 -5.60 -5.00 8.92
C MET A 105 -6.03 -3.62 9.40
N ARG A 106 -6.89 -3.58 10.43
CA ARG A 106 -7.34 -2.29 10.93
C ARG A 106 -6.19 -1.53 11.57
N ALA A 107 -5.27 -2.23 12.25
CA ALA A 107 -4.14 -1.53 12.85
C ALA A 107 -3.33 -0.95 11.69
N MET A 108 -3.52 -1.51 10.50
CA MET A 108 -2.82 -0.99 9.33
C MET A 108 -3.65 0.08 8.60
N HIS A 109 -4.82 0.39 9.15
CA HIS A 109 -5.74 1.39 8.59
C HIS A 109 -6.47 0.99 7.32
N LYS A 110 -6.33 -0.27 6.92
CA LYS A 110 -7.01 -0.75 5.70
C LYS A 110 -8.48 -1.07 5.95
N PRO A 111 -9.32 -0.94 4.91
CA PRO A 111 -10.75 -1.23 5.06
C PRO A 111 -11.03 -2.74 5.17
N VAL A 112 -12.08 -3.10 5.91
CA VAL A 112 -12.46 -4.50 6.10
C VAL A 112 -13.96 -4.72 5.87
N ILE A 113 -14.29 -5.51 4.86
CA ILE A 113 -15.68 -5.83 4.55
C ILE A 113 -16.08 -7.10 5.32
N LEU A 114 -16.99 -6.97 6.27
CA LEU A 114 -17.41 -8.13 7.03
C LEU A 114 -18.60 -8.82 6.33
N VAL A 115 -18.44 -10.09 5.96
CA VAL A 115 -19.51 -10.84 5.31
C VAL A 115 -19.96 -11.97 6.25
N PRO A 116 -20.76 -11.62 7.28
CA PRO A 116 -21.25 -12.60 8.24
C PRO A 116 -22.22 -13.65 7.70
N PHE A 117 -22.19 -14.83 8.32
CA PHE A 117 -23.04 -15.97 7.97
C PHE A 117 -23.48 -16.66 9.26
N THR A 118 -24.73 -17.10 9.29
CA THR A 118 -25.28 -17.80 10.45
C THR A 118 -26.28 -18.84 9.94
N GLU A 119 -26.41 -19.94 10.64
CA GLU A 119 -27.36 -20.95 10.23
C GLU A 119 -28.39 -21.03 11.33
N HIS A 120 -28.30 -20.07 12.24
CA HIS A 120 -29.21 -19.98 13.37
C HIS A 120 -29.84 -18.59 13.43
N PRO A 121 -30.75 -18.28 12.49
CA PRO A 121 -31.41 -16.97 12.49
C PRO A 121 -32.24 -16.80 13.76
N GLU A 122 -32.44 -17.92 14.46
CA GLU A 122 -33.20 -17.94 15.70
C GLU A 122 -32.56 -17.19 16.87
N LYS A 123 -31.23 -17.15 16.91
CA LYS A 123 -30.51 -16.48 18.00
C LYS A 123 -30.37 -14.97 17.81
N GLU A 124 -30.42 -14.25 18.93
CA GLU A 124 -30.30 -12.80 18.90
C GLU A 124 -29.02 -12.37 18.19
N LYS A 125 -29.18 -11.64 17.08
CA LYS A 125 -28.03 -11.19 16.31
C LYS A 125 -27.19 -10.31 17.22
N LYS A 126 -25.98 -10.77 17.52
CA LYS A 126 -25.06 -10.06 18.39
C LYS A 126 -23.64 -10.12 17.80
N MET A 127 -22.75 -9.27 18.31
CA MET A 127 -21.40 -9.23 17.79
C MET A 127 -20.49 -8.57 18.80
N ASN A 128 -19.24 -9.02 18.84
CA ASN A 128 -18.27 -8.44 19.75
C ASN A 128 -18.04 -7.00 19.33
N LEU A 129 -17.79 -6.13 20.31
CA LEU A 129 -17.58 -4.72 20.04
C LEU A 129 -16.40 -4.49 19.08
N MET A 130 -15.27 -5.11 19.40
CA MET A 130 -14.09 -4.93 18.57
C MET A 130 -14.39 -5.26 17.13
N ILE A 131 -15.22 -6.28 16.89
CA ILE A 131 -15.56 -6.63 15.52
C ILE A 131 -16.55 -5.63 14.99
N ALA A 132 -17.55 -5.32 15.81
CA ALA A 132 -18.59 -4.36 15.43
C ALA A 132 -17.99 -2.99 15.07
N GLN A 133 -17.01 -2.54 15.85
CA GLN A 133 -16.43 -1.24 15.59
C GLN A 133 -15.22 -1.28 14.66
N GLY A 134 -14.50 -2.41 14.64
CA GLY A 134 -13.33 -2.51 13.78
C GLY A 134 -13.66 -2.58 12.30
N VAL A 135 -14.68 -3.34 11.95
CA VAL A 135 -15.08 -3.48 10.55
C VAL A 135 -15.56 -2.14 9.99
N THR A 136 -15.30 -1.88 8.71
CA THR A 136 -15.70 -0.63 8.07
C THR A 136 -16.91 -0.78 7.15
N THR A 137 -17.09 -1.97 6.57
CA THR A 137 -18.22 -2.22 5.69
C THR A 137 -18.76 -3.63 5.90
N ILE A 138 -20.06 -3.72 6.16
CA ILE A 138 -20.69 -5.01 6.37
C ILE A 138 -21.68 -5.32 5.26
N ILE A 139 -21.62 -6.56 4.78
CA ILE A 139 -22.49 -7.09 3.75
C ILE A 139 -22.99 -8.43 4.31
N ASP A 140 -24.29 -8.52 4.58
CA ASP A 140 -24.84 -9.74 5.15
C ASP A 140 -24.66 -10.91 4.22
N GLY A 141 -23.96 -11.94 4.69
CA GLY A 141 -23.71 -13.11 3.86
C GLY A 141 -24.94 -13.96 3.63
N ASN A 142 -25.91 -13.86 4.53
CA ASN A 142 -27.12 -14.64 4.38
C ASN A 142 -28.12 -13.98 3.44
N THR A 143 -28.10 -12.65 3.36
CA THR A 143 -29.05 -11.97 2.49
C THR A 143 -28.47 -11.02 1.44
N GLU A 144 -27.16 -10.75 1.47
CA GLU A 144 -26.56 -9.83 0.51
C GLU A 144 -25.28 -10.33 -0.12
N PHE A 145 -24.98 -11.61 0.07
CA PHE A 145 -23.76 -12.21 -0.46
C PHE A 145 -23.40 -11.70 -1.85
N GLU A 146 -24.38 -11.67 -2.76
CA GLU A 146 -24.18 -11.25 -4.14
C GLU A 146 -23.68 -9.81 -4.32
N LYS A 147 -23.78 -8.99 -3.29
CA LYS A 147 -23.31 -7.61 -3.40
C LYS A 147 -21.81 -7.56 -3.75
N LEU A 148 -21.08 -8.61 -3.37
CA LEU A 148 -19.63 -8.70 -3.62
C LEU A 148 -19.21 -8.64 -5.08
N ALA A 149 -20.16 -8.93 -5.97
CA ALA A 149 -19.84 -8.91 -7.38
C ALA A 149 -19.98 -7.50 -7.92
N ASP A 150 -20.62 -6.63 -7.14
CA ASP A 150 -20.86 -5.26 -7.58
C ASP A 150 -20.20 -4.18 -6.73
N TYR A 151 -19.78 -4.55 -5.54
CA TYR A 151 -19.14 -3.60 -4.62
C TYR A 151 -17.92 -2.95 -5.29
N ASN A 152 -17.75 -1.63 -5.09
CA ASN A 152 -16.61 -0.91 -5.67
C ASN A 152 -15.40 -0.97 -4.73
N PHE A 153 -14.48 -1.89 -5.03
CA PHE A 153 -13.29 -2.09 -4.21
C PHE A 153 -12.19 -1.06 -4.48
N ASN A 154 -12.43 -0.20 -5.45
CA ASN A 154 -11.45 0.84 -5.73
C ASN A 154 -11.52 1.87 -4.60
N GLU A 155 -12.69 1.98 -3.97
CA GLU A 155 -12.88 2.95 -2.90
C GLU A 155 -13.52 2.41 -1.63
N CYS A 156 -14.03 1.18 -1.71
CA CYS A 156 -14.66 0.49 -0.57
C CYS A 156 -15.48 1.40 0.33
N PRO A 157 -16.62 1.90 -0.18
CA PRO A 157 -17.49 2.79 0.60
C PRO A 157 -17.85 2.20 1.96
N SER A 158 -17.75 3.02 3.00
CA SER A 158 -18.05 2.61 4.36
C SER A 158 -19.54 2.28 4.60
N ASN A 159 -19.78 1.35 5.52
CA ASN A 159 -21.13 0.94 5.89
C ASN A 159 -21.10 0.32 7.28
N PRO A 160 -21.07 1.15 8.31
CA PRO A 160 -21.03 0.74 9.71
C PRO A 160 -22.03 -0.33 10.11
N VAL A 161 -21.62 -1.16 11.05
CA VAL A 161 -22.42 -2.26 11.56
C VAL A 161 -23.53 -1.72 12.45
N ARG A 162 -24.75 -2.20 12.20
CA ARG A 162 -25.94 -1.79 12.94
C ARG A 162 -26.92 -2.95 13.04
N GLY A 163 -27.84 -2.87 14.00
CA GLY A 163 -28.81 -3.92 14.18
C GLY A 163 -28.25 -5.11 14.91
N TYR A 164 -27.04 -4.99 15.43
CA TYR A 164 -26.42 -6.07 16.17
C TYR A 164 -26.28 -5.61 17.59
N GLY A 165 -26.64 -6.47 18.54
CA GLY A 165 -26.50 -6.10 19.93
C GLY A 165 -25.01 -6.20 20.19
N ILE A 166 -24.47 -5.37 21.07
CA ILE A 166 -23.04 -5.38 21.33
C ILE A 166 -22.60 -5.98 22.66
N TYR A 167 -21.62 -6.88 22.59
CA TYR A 167 -21.02 -7.51 23.74
C TYR A 167 -19.53 -7.49 23.43
N MET B 1 -5.11 -15.90 -5.97
CA MET B 1 -5.35 -16.50 -7.32
C MET B 1 -4.88 -15.61 -8.47
N LYS B 2 -4.98 -16.12 -9.70
CA LYS B 2 -4.57 -15.37 -10.89
C LYS B 2 -5.04 -13.93 -10.83
N ALA B 3 -4.14 -13.00 -11.12
CA ALA B 3 -4.46 -11.58 -11.10
C ALA B 3 -4.95 -11.09 -12.46
N VAL B 4 -5.85 -10.12 -12.43
CA VAL B 4 -6.44 -9.55 -13.64
C VAL B 4 -5.40 -8.72 -14.40
N VAL B 5 -4.55 -8.04 -13.65
CA VAL B 5 -3.47 -7.22 -14.22
C VAL B 5 -2.27 -7.41 -13.30
N PRO B 6 -1.06 -7.10 -13.79
CA PRO B 6 0.16 -7.24 -12.98
C PRO B 6 -0.03 -6.30 -11.77
N THR B 7 0.40 -6.71 -10.58
CA THR B 7 0.24 -5.85 -9.41
C THR B 7 1.54 -5.65 -8.63
N GLY B 8 2.54 -6.46 -8.94
CA GLY B 8 3.80 -6.36 -8.24
C GLY B 8 4.51 -5.04 -8.46
N LYS B 9 4.87 -4.36 -7.37
CA LYS B 9 5.60 -3.12 -7.51
C LYS B 9 6.90 -3.35 -6.75
N ILE B 10 7.94 -3.63 -7.52
CA ILE B 10 9.25 -3.95 -6.98
C ILE B 10 10.18 -2.79 -6.60
N TYR B 11 10.72 -2.85 -5.40
CA TYR B 11 11.70 -1.85 -4.97
C TYR B 11 13.00 -2.65 -5.11
N LEU B 12 13.80 -2.32 -6.10
CA LEU B 12 15.05 -3.03 -6.35
C LEU B 12 16.20 -2.36 -5.61
N GLY B 13 16.53 -2.88 -4.45
CA GLY B 13 17.62 -2.32 -3.67
C GLY B 13 18.93 -2.97 -4.06
N SER B 14 19.98 -2.17 -4.13
CA SER B 14 21.25 -2.74 -4.51
C SER B 14 22.44 -1.80 -4.41
N PRO B 15 23.60 -2.35 -4.04
CA PRO B 15 24.81 -1.53 -3.93
C PRO B 15 25.06 -1.09 -5.37
N PHE B 16 25.92 -0.10 -5.58
CA PHE B 16 26.16 0.34 -6.94
C PHE B 16 27.57 0.89 -6.99
N TYR B 17 28.42 0.35 -6.13
CA TYR B 17 29.78 0.81 -5.99
C TYR B 17 30.87 -0.02 -6.66
N SER B 18 30.48 -0.96 -7.52
CA SER B 18 31.48 -1.76 -8.23
C SER B 18 30.88 -2.26 -9.53
N ASP B 19 31.72 -2.53 -10.52
CA ASP B 19 31.22 -3.01 -11.80
C ASP B 19 30.37 -4.26 -11.60
N ALA B 20 30.85 -5.22 -10.81
CA ALA B 20 30.09 -6.45 -10.55
C ALA B 20 28.70 -6.12 -9.97
N GLN B 21 28.64 -5.23 -8.98
CA GLN B 21 27.35 -4.87 -8.40
C GLN B 21 26.51 -4.21 -9.49
N ARG B 22 27.14 -3.38 -10.30
CA ARG B 22 26.41 -2.70 -11.35
C ARG B 22 25.88 -3.63 -12.43
N GLU B 23 26.60 -4.72 -12.69
CA GLU B 23 26.18 -5.65 -13.73
C GLU B 23 24.98 -6.47 -13.26
N ARG B 24 24.95 -6.77 -11.96
CA ARG B 24 23.87 -7.54 -11.37
C ARG B 24 22.60 -6.73 -11.46
N ALA B 25 22.70 -5.44 -11.16
CA ALA B 25 21.55 -4.56 -11.21
C ALA B 25 21.00 -4.59 -12.62
N ALA B 26 21.91 -4.44 -13.59
CA ALA B 26 21.54 -4.47 -14.99
C ALA B 26 20.81 -5.75 -15.35
N LYS B 27 21.44 -6.87 -14.98
CA LYS B 27 20.87 -8.18 -15.22
C LYS B 27 19.50 -8.30 -14.54
N ALA B 28 19.42 -7.84 -13.28
CA ALA B 28 18.17 -7.94 -12.54
C ALA B 28 17.02 -7.25 -13.25
N LYS B 29 17.25 -6.05 -13.77
CA LYS B 29 16.20 -5.32 -14.48
C LYS B 29 15.69 -6.12 -15.68
N GLU B 30 16.63 -6.73 -16.40
CA GLU B 30 16.27 -7.52 -17.57
C GLU B 30 15.29 -8.64 -17.21
N LEU B 31 15.66 -9.45 -16.21
CA LEU B 31 14.83 -10.56 -15.76
C LEU B 31 13.47 -10.05 -15.30
N LEU B 32 13.50 -9.01 -14.47
CA LEU B 32 12.27 -8.43 -13.97
C LEU B 32 11.39 -7.96 -15.12
N ALA B 33 12.02 -7.53 -16.21
CA ALA B 33 11.27 -7.07 -17.38
C ALA B 33 10.53 -8.23 -18.03
N LYS B 34 11.05 -9.45 -17.87
CA LYS B 34 10.40 -10.60 -18.46
C LYS B 34 9.32 -11.21 -17.59
N ASN B 35 9.16 -10.68 -16.38
CA ASN B 35 8.16 -11.22 -15.46
C ASN B 35 6.78 -10.61 -15.63
N PRO B 36 5.82 -11.42 -16.07
CA PRO B 36 4.42 -11.01 -16.29
C PRO B 36 3.68 -10.51 -15.07
N SER B 37 4.19 -10.78 -13.88
CA SER B 37 3.51 -10.34 -12.67
C SER B 37 3.91 -8.92 -12.24
N ILE B 38 4.88 -8.34 -12.93
CA ILE B 38 5.34 -7.01 -12.54
C ILE B 38 4.72 -5.81 -13.23
N ALA B 39 4.16 -4.89 -12.43
CA ALA B 39 3.55 -3.67 -12.93
C ALA B 39 4.56 -2.53 -12.97
N HIS B 40 5.52 -2.55 -12.04
CA HIS B 40 6.52 -1.49 -11.97
C HIS B 40 7.72 -1.87 -11.13
N VAL B 41 8.88 -1.32 -11.51
CA VAL B 41 10.13 -1.56 -10.82
C VAL B 41 10.81 -0.21 -10.56
N PHE B 42 11.28 -0.01 -9.32
CA PHE B 42 11.97 1.23 -8.97
C PHE B 42 13.41 0.90 -8.60
N PHE B 43 14.35 1.56 -9.25
CA PHE B 43 15.75 1.37 -8.93
C PHE B 43 16.21 2.75 -8.47
N PRO B 44 16.60 2.86 -7.19
CA PRO B 44 17.05 4.11 -6.59
C PRO B 44 18.13 4.90 -7.31
N PHE B 45 18.98 4.23 -8.08
CA PHE B 45 20.05 4.94 -8.77
C PHE B 45 19.74 5.35 -10.20
N ASP B 46 18.50 5.15 -10.63
CA ASP B 46 18.14 5.50 -12.00
C ASP B 46 18.06 6.98 -12.31
N ASP B 47 17.26 7.72 -11.56
CA ASP B 47 17.14 9.13 -11.87
C ASP B 47 18.09 9.99 -11.07
N GLY B 48 17.56 10.69 -10.08
CA GLY B 48 18.39 11.53 -9.27
C GLY B 48 17.84 12.92 -9.15
N PHE B 49 18.10 13.53 -7.99
CA PHE B 49 17.65 14.87 -7.75
C PHE B 49 18.84 15.76 -8.04
N THR B 50 18.55 16.95 -8.53
CA THR B 50 19.61 17.90 -8.80
C THR B 50 19.33 19.15 -8.00
N ASP B 51 20.30 19.56 -7.18
CA ASP B 51 20.18 20.75 -6.37
C ASP B 51 20.90 21.89 -7.08
N PRO B 52 20.14 22.89 -7.56
CA PRO B 52 20.71 24.04 -8.27
C PRO B 52 21.73 24.77 -7.39
N ASP B 53 21.37 24.97 -6.14
CA ASP B 53 22.22 25.66 -5.18
C ASP B 53 23.46 24.83 -4.88
N GLU B 54 23.53 23.63 -5.45
CA GLU B 54 24.69 22.77 -5.20
C GLU B 54 25.72 22.90 -6.31
N LYS B 55 26.78 23.64 -6.01
CA LYS B 55 27.84 23.87 -6.98
C LYS B 55 28.87 22.74 -6.99
N ASN B 56 29.16 22.24 -8.19
CA ASN B 56 30.13 21.18 -8.42
C ASN B 56 30.00 19.95 -7.50
N PRO B 57 28.85 19.25 -7.57
CA PRO B 57 28.59 18.06 -6.75
C PRO B 57 29.49 16.87 -7.10
N GLU B 58 29.93 16.15 -6.07
CA GLU B 58 30.79 14.99 -6.27
C GLU B 58 30.26 13.78 -5.50
N ILE B 59 30.55 12.59 -6.02
CA ILE B 59 30.09 11.35 -5.42
C ILE B 59 30.97 10.88 -4.26
N GLY B 60 30.37 10.70 -3.10
CA GLY B 60 31.12 10.28 -1.94
C GLY B 60 31.64 11.55 -1.29
N GLY B 61 31.35 12.68 -1.94
CA GLY B 61 31.77 13.94 -1.40
C GLY B 61 30.69 14.54 -0.51
N ILE B 62 30.98 15.69 0.08
CA ILE B 62 30.01 16.35 0.93
C ILE B 62 28.87 16.78 0.01
N ARG B 63 27.63 16.50 0.41
CA ARG B 63 26.47 16.89 -0.42
C ARG B 63 25.56 17.85 0.35
N SER B 64 24.79 18.63 -0.38
CA SER B 64 23.89 19.60 0.28
C SER B 64 22.80 18.84 1.03
N MET B 65 22.31 19.45 2.11
CA MET B 65 21.25 18.85 2.89
C MET B 65 20.02 18.68 1.99
N VAL B 66 19.75 19.67 1.15
CA VAL B 66 18.61 19.57 0.24
C VAL B 66 18.70 18.35 -0.67
N TRP B 67 19.86 18.10 -1.27
CA TRP B 67 20.02 16.93 -2.15
C TRP B 67 19.87 15.65 -1.32
N ARG B 68 20.46 15.65 -0.12
CA ARG B 68 20.40 14.50 0.77
C ARG B 68 18.96 14.16 1.14
N ASP B 69 18.19 15.17 1.51
CA ASP B 69 16.80 14.89 1.87
C ASP B 69 16.01 14.35 0.68
N ALA B 70 16.09 15.06 -0.45
CA ALA B 70 15.33 14.68 -1.63
C ALA B 70 15.64 13.25 -2.11
N THR B 71 16.92 12.90 -2.07
CA THR B 71 17.35 11.60 -2.56
C THR B 71 16.94 10.47 -1.61
N TYR B 72 17.07 10.73 -0.32
CA TYR B 72 16.69 9.76 0.69
C TYR B 72 15.18 9.53 0.60
N GLN B 73 14.41 10.60 0.48
CA GLN B 73 12.95 10.52 0.40
C GLN B 73 12.47 9.83 -0.88
N ASN B 74 13.22 9.98 -1.98
CA ASN B 74 12.82 9.29 -3.19
C ASN B 74 12.93 7.81 -2.92
N ASP B 75 13.91 7.43 -2.12
CA ASP B 75 14.05 6.02 -1.80
C ASP B 75 12.93 5.57 -0.90
N LEU B 76 12.63 6.34 0.14
CA LEU B 76 11.54 5.95 1.04
C LEU B 76 10.23 5.93 0.27
N THR B 77 10.11 6.83 -0.70
CA THR B 77 8.93 6.92 -1.54
C THR B 77 8.85 5.62 -2.33
N GLY B 78 10.00 5.15 -2.81
CA GLY B 78 10.01 3.92 -3.57
C GLY B 78 9.55 2.77 -2.72
N ILE B 79 10.03 2.73 -1.49
CA ILE B 79 9.65 1.67 -0.56
C ILE B 79 8.15 1.77 -0.25
N SER B 80 7.67 3.00 -0.06
CA SER B 80 6.25 3.20 0.25
C SER B 80 5.32 2.69 -0.86
N ASN B 81 5.64 3.01 -2.11
CA ASN B 81 4.83 2.60 -3.25
C ASN B 81 5.06 1.12 -3.61
N ALA B 82 6.18 0.55 -3.18
CA ALA B 82 6.47 -0.84 -3.53
C ALA B 82 5.58 -1.81 -2.77
N THR B 83 5.30 -2.97 -3.38
CA THR B 83 4.51 -3.97 -2.67
C THR B 83 5.50 -4.98 -2.09
N CYS B 84 6.72 -4.99 -2.63
CA CYS B 84 7.75 -5.89 -2.12
C CYS B 84 9.17 -5.40 -2.48
N GLY B 85 10.15 -5.91 -1.75
CA GLY B 85 11.52 -5.53 -1.99
C GLY B 85 12.33 -6.70 -2.54
N VAL B 86 13.27 -6.37 -3.42
CA VAL B 86 14.16 -7.37 -4.01
C VAL B 86 15.57 -6.82 -3.82
N PHE B 87 16.37 -7.50 -3.01
CA PHE B 87 17.71 -7.04 -2.74
C PHE B 87 18.84 -7.90 -3.27
N LEU B 88 19.61 -7.28 -4.16
CA LEU B 88 20.80 -7.89 -4.76
C LEU B 88 21.78 -7.65 -3.64
N TYR B 89 21.89 -8.62 -2.75
CA TYR B 89 22.72 -8.49 -1.57
C TYR B 89 24.10 -9.10 -1.67
N ASP B 90 25.09 -8.23 -1.75
CA ASP B 90 26.49 -8.62 -1.84
C ASP B 90 26.89 -9.18 -0.47
N MET B 91 27.20 -10.48 -0.41
CA MET B 91 27.60 -11.08 0.86
C MET B 91 29.08 -10.87 1.16
N ASP B 92 29.84 -10.37 0.18
CA ASP B 92 31.28 -10.12 0.35
C ASP B 92 31.51 -8.72 0.91
N GLN B 93 30.74 -7.75 0.42
CA GLN B 93 30.86 -6.40 0.93
C GLN B 93 29.45 -6.05 1.39
N LEU B 94 29.21 -6.14 2.70
CA LEU B 94 27.87 -5.87 3.23
C LEU B 94 27.51 -4.42 3.04
N ASP B 95 26.37 -4.18 2.42
CA ASP B 95 25.91 -2.83 2.20
C ASP B 95 24.90 -2.46 3.28
N ASP B 96 25.22 -1.42 4.05
CA ASP B 96 24.32 -1.03 5.11
C ASP B 96 23.08 -0.25 4.63
N GLY B 97 23.18 0.37 3.46
CA GLY B 97 22.03 1.07 2.93
C GLY B 97 20.96 0.02 2.64
N SER B 98 21.39 -1.05 1.99
CA SER B 98 20.48 -2.14 1.67
C SER B 98 19.93 -2.75 2.94
N ALA B 99 20.81 -3.05 3.89
CA ALA B 99 20.35 -3.63 5.15
C ALA B 99 19.33 -2.71 5.83
N PHE B 100 19.58 -1.41 5.78
CA PHE B 100 18.68 -0.43 6.37
C PHE B 100 17.30 -0.51 5.69
N GLU B 101 17.31 -0.59 4.37
CA GLU B 101 16.07 -0.64 3.62
C GLU B 101 15.34 -1.95 3.88
N ILE B 102 16.07 -3.01 4.17
CA ILE B 102 15.40 -4.27 4.43
C ILE B 102 14.62 -4.15 5.75
N GLY B 103 15.24 -3.55 6.76
CA GLY B 103 14.58 -3.38 8.05
C GLY B 103 13.37 -2.44 7.95
N PHE B 104 13.53 -1.36 7.20
CA PHE B 104 12.46 -0.40 7.04
C PHE B 104 11.24 -1.11 6.45
N MET B 105 11.45 -1.82 5.34
CA MET B 105 10.39 -2.54 4.67
C MET B 105 9.69 -3.56 5.54
N ARG B 106 10.46 -4.31 6.32
CA ARG B 106 9.89 -5.29 7.21
C ARG B 106 9.11 -4.63 8.33
N ALA B 107 9.55 -3.46 8.79
CA ALA B 107 8.81 -2.78 9.85
C ALA B 107 7.42 -2.41 9.31
N MET B 108 7.31 -2.30 7.98
CA MET B 108 6.05 -1.98 7.32
C MET B 108 5.32 -3.26 6.93
N HIS B 109 5.86 -4.40 7.34
CA HIS B 109 5.26 -5.70 7.05
C HIS B 109 5.29 -6.10 5.58
N LYS B 110 6.12 -5.42 4.79
CA LYS B 110 6.19 -5.76 3.36
C LYS B 110 7.10 -6.96 3.12
N PRO B 111 6.73 -7.83 2.17
CA PRO B 111 7.60 -9.00 1.93
C PRO B 111 8.94 -8.54 1.33
N VAL B 112 10.00 -9.26 1.63
CA VAL B 112 11.33 -8.91 1.15
C VAL B 112 12.02 -10.12 0.56
N ILE B 113 12.45 -9.98 -0.68
CA ILE B 113 13.13 -11.03 -1.42
C ILE B 113 14.61 -10.76 -1.34
N LEU B 114 15.37 -11.68 -0.77
CA LEU B 114 16.81 -11.50 -0.68
C LEU B 114 17.43 -12.37 -1.77
N VAL B 115 18.36 -11.79 -2.51
CA VAL B 115 19.05 -12.47 -3.59
C VAL B 115 20.53 -12.26 -3.29
N PRO B 116 21.15 -13.19 -2.55
CA PRO B 116 22.55 -13.10 -2.19
C PRO B 116 23.55 -13.49 -3.29
N PHE B 117 24.63 -12.72 -3.36
CA PHE B 117 25.68 -12.96 -4.33
C PHE B 117 27.00 -13.03 -3.62
N THR B 118 27.82 -13.95 -4.05
CA THR B 118 29.18 -14.09 -3.52
C THR B 118 30.14 -14.53 -4.61
N GLU B 119 31.34 -14.05 -4.57
CA GLU B 119 32.33 -14.41 -5.57
C GLU B 119 33.08 -15.63 -5.03
N HIS B 120 32.66 -16.11 -3.86
CA HIS B 120 33.29 -17.26 -3.23
C HIS B 120 32.22 -18.28 -2.81
N PRO B 121 31.54 -18.89 -3.79
CA PRO B 121 30.48 -19.88 -3.55
C PRO B 121 30.96 -21.03 -2.67
N GLU B 122 32.27 -21.10 -2.45
CA GLU B 122 32.81 -22.19 -1.67
C GLU B 122 33.17 -21.85 -0.23
N LYS B 123 33.14 -20.57 0.12
CA LYS B 123 33.45 -20.20 1.49
C LYS B 123 32.26 -20.46 2.41
N GLU B 124 32.48 -20.37 3.72
CA GLU B 124 31.41 -20.62 4.69
C GLU B 124 30.15 -19.81 4.42
N LYS B 125 28.99 -20.40 4.71
CA LYS B 125 27.70 -19.75 4.54
C LYS B 125 27.19 -19.31 5.90
N LYS B 126 27.34 -18.02 6.18
CA LYS B 126 26.90 -17.44 7.45
C LYS B 126 26.11 -16.18 7.16
N MET B 127 25.13 -15.86 8.01
CA MET B 127 24.31 -14.67 7.79
C MET B 127 23.87 -14.06 9.13
N ASN B 128 23.69 -12.76 9.17
CA ASN B 128 23.24 -12.10 10.40
C ASN B 128 21.81 -12.54 10.69
N LEU B 129 21.50 -12.79 11.96
CA LEU B 129 20.15 -13.20 12.35
C LEU B 129 19.06 -12.23 11.86
N MET B 130 19.29 -10.93 12.02
CA MET B 130 18.27 -9.97 11.60
C MET B 130 17.97 -10.09 10.11
N ILE B 131 19.00 -10.26 9.30
CA ILE B 131 18.76 -10.41 7.87
C ILE B 131 18.12 -11.78 7.62
N ALA B 132 18.70 -12.81 8.24
CA ALA B 132 18.23 -14.18 8.07
C ALA B 132 16.80 -14.41 8.49
N GLN B 133 16.33 -13.62 9.45
CA GLN B 133 14.97 -13.79 9.94
C GLN B 133 14.03 -12.72 9.39
N GLY B 134 14.60 -11.58 9.03
CA GLY B 134 13.78 -10.50 8.51
C GLY B 134 13.28 -10.75 7.11
N VAL B 135 14.08 -11.39 6.26
CA VAL B 135 13.62 -11.63 4.91
C VAL B 135 12.60 -12.76 4.85
N THR B 136 11.64 -12.62 3.93
CA THR B 136 10.60 -13.61 3.79
C THR B 136 10.85 -14.62 2.67
N THR B 137 11.69 -14.26 1.71
CA THR B 137 11.99 -15.15 0.59
C THR B 137 13.44 -15.02 0.13
N ILE B 138 14.14 -16.14 0.04
CA ILE B 138 15.52 -16.10 -0.46
C ILE B 138 15.60 -16.80 -1.82
N ILE B 139 16.33 -16.18 -2.74
CA ILE B 139 16.55 -16.69 -4.10
C ILE B 139 18.04 -16.50 -4.27
N ASP B 140 18.80 -17.60 -4.32
CA ASP B 140 20.24 -17.47 -4.48
C ASP B 140 20.57 -16.78 -5.79
N GLY B 141 21.42 -15.77 -5.71
CA GLY B 141 21.80 -15.03 -6.90
C GLY B 141 22.78 -15.81 -7.74
N ASN B 142 23.60 -16.61 -7.08
CA ASN B 142 24.62 -17.39 -7.78
C ASN B 142 24.08 -18.52 -8.63
N THR B 143 23.01 -19.15 -8.18
CA THR B 143 22.47 -20.29 -8.90
C THR B 143 21.02 -20.19 -9.36
N GLU B 144 20.34 -19.12 -8.99
CA GLU B 144 18.91 -19.03 -9.35
C GLU B 144 18.51 -17.63 -9.72
N PHE B 145 19.50 -16.79 -10.00
CA PHE B 145 19.22 -15.41 -10.34
C PHE B 145 17.99 -15.33 -11.22
N GLU B 146 17.93 -16.24 -12.20
CA GLU B 146 16.87 -16.28 -13.19
C GLU B 146 15.41 -16.46 -12.77
N LYS B 147 15.12 -16.97 -11.58
CA LYS B 147 13.71 -17.12 -11.27
C LYS B 147 13.03 -15.78 -11.01
N LEU B 148 13.80 -14.70 -10.96
CA LEU B 148 13.22 -13.37 -10.78
C LEU B 148 12.27 -13.16 -11.95
N ALA B 149 12.66 -13.68 -13.11
CA ALA B 149 11.87 -13.59 -14.32
C ALA B 149 10.52 -14.32 -14.21
N ASP B 150 10.44 -15.32 -13.33
CA ASP B 150 9.21 -16.10 -13.17
C ASP B 150 8.46 -15.97 -11.84
N TYR B 151 9.17 -15.58 -10.78
CA TYR B 151 8.54 -15.43 -9.46
C TYR B 151 7.22 -14.68 -9.54
N ASN B 152 6.21 -15.14 -8.78
CA ASN B 152 4.90 -14.51 -8.78
C ASN B 152 4.84 -13.34 -7.79
N PHE B 153 5.23 -12.16 -8.26
CA PHE B 153 5.22 -10.98 -7.41
C PHE B 153 3.82 -10.50 -7.09
N ASN B 154 2.81 -11.22 -7.55
CA ASN B 154 1.47 -10.80 -7.21
C ASN B 154 1.21 -11.28 -5.80
N GLU B 155 1.92 -12.32 -5.38
CA GLU B 155 1.68 -12.88 -4.06
C GLU B 155 2.92 -13.10 -3.21
N CYS B 156 4.11 -13.01 -3.81
CA CYS B 156 5.38 -13.19 -3.11
C CYS B 156 5.42 -14.36 -2.11
N PRO B 157 5.36 -15.59 -2.62
CA PRO B 157 5.39 -16.81 -1.81
C PRO B 157 6.63 -16.89 -0.92
N SER B 158 6.43 -17.19 0.35
CA SER B 158 7.55 -17.27 1.30
C SER B 158 8.53 -18.42 1.03
N ASN B 159 9.77 -18.22 1.45
CA ASN B 159 10.81 -19.24 1.33
C ASN B 159 11.93 -18.88 2.29
N PRO B 160 11.77 -19.23 3.57
CA PRO B 160 12.70 -18.98 4.67
C PRO B 160 14.16 -19.30 4.39
N VAL B 161 15.03 -18.43 4.88
CA VAL B 161 16.47 -18.62 4.72
C VAL B 161 16.85 -19.85 5.53
N ARG B 162 17.59 -20.75 4.91
CA ARG B 162 18.03 -21.99 5.56
C ARG B 162 19.38 -22.35 4.94
N GLY B 163 20.22 -23.07 5.68
CA GLY B 163 21.51 -23.46 5.16
C GLY B 163 22.62 -22.48 5.46
N TYR B 164 22.30 -21.47 6.29
CA TYR B 164 23.28 -20.45 6.67
C TYR B 164 23.53 -20.42 8.16
N GLY B 165 24.80 -20.37 8.53
CA GLY B 165 25.11 -20.27 9.94
C GLY B 165 24.59 -18.92 10.40
N ILE B 166 24.08 -18.85 11.62
CA ILE B 166 23.53 -17.61 12.16
C ILE B 166 24.48 -17.03 13.22
N TYR B 167 24.79 -15.75 13.13
CA TYR B 167 25.66 -15.12 14.10
C TYR B 167 25.09 -13.77 14.53
N MET C 1 11.55 2.90 -13.04
CA MET C 1 11.54 2.49 -14.47
C MET C 1 10.14 2.69 -15.03
N LYS C 2 9.98 2.47 -16.33
CA LYS C 2 8.68 2.66 -16.95
C LYS C 2 7.68 1.64 -16.43
N ALA C 3 6.51 2.12 -16.05
CA ALA C 3 5.45 1.25 -15.53
C ALA C 3 4.76 0.50 -16.67
N VAL C 4 4.32 -0.73 -16.39
CA VAL C 4 3.64 -1.56 -17.37
C VAL C 4 2.16 -1.15 -17.44
N VAL C 5 1.63 -0.71 -16.31
CA VAL C 5 0.25 -0.26 -16.21
C VAL C 5 0.28 0.90 -15.22
N PRO C 6 -0.64 1.89 -15.35
CA PRO C 6 -0.69 3.04 -14.44
C PRO C 6 -0.62 2.54 -13.00
N THR C 7 0.16 3.21 -12.18
CA THR C 7 0.31 2.80 -10.78
C THR C 7 -0.16 3.83 -9.76
N GLY C 8 -0.16 5.10 -10.15
CA GLY C 8 -0.57 6.15 -9.24
C GLY C 8 -2.01 6.10 -8.76
N LYS C 9 -2.17 6.09 -7.44
CA LYS C 9 -3.47 6.08 -6.80
C LYS C 9 -3.43 7.34 -5.95
N ILE C 10 -4.06 8.38 -6.47
CA ILE C 10 -4.09 9.69 -5.84
C ILE C 10 -5.20 9.99 -4.85
N TYR C 11 -4.80 10.50 -3.69
CA TYR C 11 -5.79 10.94 -2.73
C TYR C 11 -5.75 12.45 -2.98
N LEU C 12 -6.83 12.98 -3.56
CA LEU C 12 -6.91 14.40 -3.86
C LEU C 12 -7.60 15.12 -2.72
N GLY C 13 -6.80 15.80 -1.88
CA GLY C 13 -7.32 16.51 -0.75
C GLY C 13 -7.48 17.98 -1.05
N SER C 14 -8.60 18.55 -0.61
CA SER C 14 -8.88 19.95 -0.87
C SER C 14 -10.07 20.47 -0.10
N PRO C 15 -10.07 21.77 0.21
CA PRO C 15 -11.21 22.33 0.95
C PRO C 15 -12.30 22.45 -0.11
N PHE C 16 -13.56 22.51 0.28
CA PHE C 16 -14.61 22.68 -0.72
C PHE C 16 -15.36 23.97 -0.42
N TYR C 17 -16.68 23.92 -0.36
CA TYR C 17 -17.48 25.10 -0.02
C TYR C 17 -17.22 26.45 -0.70
N SER C 18 -15.96 26.92 -0.68
CA SER C 18 -15.60 28.18 -1.31
C SER C 18 -15.53 28.04 -2.82
N ASP C 19 -16.36 28.83 -3.50
CA ASP C 19 -16.45 28.83 -4.96
C ASP C 19 -15.10 28.66 -5.65
N ALA C 20 -14.10 29.40 -5.23
CA ALA C 20 -12.77 29.30 -5.83
C ALA C 20 -12.21 27.90 -5.63
N GLN C 21 -12.29 27.43 -4.39
CA GLN C 21 -11.80 26.12 -4.02
C GLN C 21 -12.44 25.03 -4.87
N ARG C 22 -13.74 25.15 -5.11
CA ARG C 22 -14.41 24.15 -5.91
C ARG C 22 -13.82 24.14 -7.33
N GLU C 23 -13.56 25.34 -7.84
CA GLU C 23 -12.98 25.46 -9.17
C GLU C 23 -11.63 24.76 -9.24
N ARG C 24 -10.79 24.99 -8.23
CA ARG C 24 -9.46 24.37 -8.18
C ARG C 24 -9.59 22.87 -8.30
N ALA C 25 -10.42 22.29 -7.44
CA ALA C 25 -10.66 20.86 -7.42
C ALA C 25 -11.09 20.35 -8.80
N ALA C 26 -12.03 21.04 -9.43
CA ALA C 26 -12.53 20.64 -10.75
C ALA C 26 -11.43 20.62 -11.80
N LYS C 27 -10.56 21.63 -11.77
CA LYS C 27 -9.48 21.72 -12.72
C LYS C 27 -8.41 20.68 -12.41
N ALA C 28 -8.20 20.38 -11.13
CA ALA C 28 -7.22 19.39 -10.74
C ALA C 28 -7.64 18.04 -11.34
N LYS C 29 -8.92 17.70 -11.20
CA LYS C 29 -9.41 16.45 -11.75
C LYS C 29 -9.08 16.38 -13.22
N GLU C 30 -9.49 17.39 -13.98
CA GLU C 30 -9.21 17.43 -15.41
C GLU C 30 -7.74 17.14 -15.65
N LEU C 31 -6.88 17.93 -15.02
CA LEU C 31 -5.43 17.75 -15.17
C LEU C 31 -4.99 16.32 -14.87
N LEU C 32 -5.46 15.76 -13.76
CA LEU C 32 -5.09 14.40 -13.38
C LEU C 32 -5.58 13.37 -14.39
N ALA C 33 -6.83 13.50 -14.81
CA ALA C 33 -7.42 12.58 -15.79
C ALA C 33 -6.57 12.48 -17.05
N LYS C 34 -5.73 13.48 -17.28
CA LYS C 34 -4.86 13.49 -18.45
C LYS C 34 -3.50 12.84 -18.19
N ASN C 35 -3.23 12.47 -16.94
CA ASN C 35 -1.94 11.87 -16.59
C ASN C 35 -1.95 10.35 -16.78
N PRO C 36 -1.12 9.85 -17.71
CA PRO C 36 -1.02 8.41 -18.01
C PRO C 36 -0.54 7.55 -16.83
N SER C 37 0.22 8.16 -15.92
CA SER C 37 0.76 7.39 -14.79
C SER C 37 -0.25 7.12 -13.67
N ILE C 38 -1.41 7.77 -13.74
CA ILE C 38 -2.45 7.62 -12.73
C ILE C 38 -3.40 6.48 -12.98
N ALA C 39 -3.61 5.64 -11.96
CA ALA C 39 -4.52 4.51 -12.10
C ALA C 39 -5.89 4.85 -11.52
N HIS C 40 -5.91 5.67 -10.49
CA HIS C 40 -7.16 6.03 -9.85
C HIS C 40 -7.01 7.31 -9.03
N VAL C 41 -8.12 8.02 -8.92
CA VAL C 41 -8.17 9.26 -8.18
C VAL C 41 -9.38 9.22 -7.28
N PHE C 42 -9.16 9.49 -6.00
CA PHE C 42 -10.24 9.52 -5.03
C PHE C 42 -10.34 10.95 -4.54
N PHE C 43 -11.54 11.52 -4.58
CA PHE C 43 -11.77 12.87 -4.09
C PHE C 43 -12.83 12.70 -3.01
N PRO C 44 -12.51 13.04 -1.76
CA PRO C 44 -13.45 12.91 -0.65
C PRO C 44 -14.83 13.55 -0.79
N PHE C 45 -14.96 14.66 -1.51
CA PHE C 45 -16.26 15.29 -1.64
C PHE C 45 -17.18 14.78 -2.74
N ASP C 46 -16.66 13.94 -3.64
CA ASP C 46 -17.47 13.41 -4.73
C ASP C 46 -18.80 12.80 -4.35
N ASP C 47 -18.76 11.58 -3.86
CA ASP C 47 -19.97 10.88 -3.46
C ASP C 47 -19.97 10.87 -1.94
N GLY C 48 -21.11 10.54 -1.35
CA GLY C 48 -21.18 10.52 0.10
C GLY C 48 -22.05 9.44 0.69
N PHE C 49 -21.92 9.26 2.00
CA PHE C 49 -22.68 8.29 2.77
C PHE C 49 -23.98 8.95 3.20
N THR C 50 -25.07 8.20 3.04
CA THR C 50 -26.38 8.70 3.41
C THR C 50 -26.89 7.89 4.61
N ASP C 51 -27.06 8.56 5.74
CA ASP C 51 -27.56 7.92 6.95
C ASP C 51 -29.08 7.91 6.90
N PRO C 52 -29.67 6.78 6.52
CA PRO C 52 -31.13 6.66 6.43
C PRO C 52 -31.80 7.07 7.72
N ASP C 53 -31.05 6.99 8.81
CA ASP C 53 -31.53 7.34 10.13
C ASP C 53 -31.27 8.82 10.43
N GLU C 54 -30.93 9.59 9.41
CA GLU C 54 -30.66 11.01 9.60
C GLU C 54 -31.79 11.85 9.02
N LYS C 55 -32.61 12.41 9.91
CA LYS C 55 -33.76 13.22 9.53
C LYS C 55 -33.48 14.23 8.41
N ASN C 56 -33.16 15.47 8.80
CA ASN C 56 -32.89 16.52 7.83
C ASN C 56 -31.40 16.91 7.85
N PRO C 57 -30.56 16.19 7.08
CA PRO C 57 -29.13 16.45 7.01
C PRO C 57 -28.79 17.93 6.86
N GLU C 58 -28.12 18.48 7.85
CA GLU C 58 -27.73 19.87 7.82
C GLU C 58 -26.27 19.98 7.41
N ILE C 59 -26.00 20.43 6.19
CA ILE C 59 -24.62 20.55 5.72
C ILE C 59 -23.93 21.69 6.47
N GLY C 60 -23.23 21.34 7.54
CA GLY C 60 -22.56 22.31 8.37
C GLY C 60 -23.29 22.22 9.69
N GLY C 61 -24.33 21.37 9.69
CA GLY C 61 -25.14 21.16 10.86
C GLY C 61 -24.51 20.20 11.86
N ILE C 62 -25.29 19.83 12.87
CA ILE C 62 -24.82 18.95 13.94
C ILE C 62 -24.91 17.45 13.61
N ARG C 63 -24.56 17.11 12.38
CA ARG C 63 -24.58 15.75 11.84
C ARG C 63 -24.39 14.58 12.82
N SER C 64 -25.12 13.49 12.56
CA SER C 64 -25.09 12.31 13.40
C SER C 64 -23.78 11.55 13.41
N MET C 65 -23.54 10.79 14.49
CA MET C 65 -22.33 10.01 14.66
C MET C 65 -22.13 8.94 13.58
N VAL C 66 -23.21 8.35 13.10
CA VAL C 66 -23.08 7.34 12.06
C VAL C 66 -22.57 7.97 10.77
N TRP C 67 -23.16 9.10 10.37
CA TRP C 67 -22.71 9.78 9.15
C TRP C 67 -21.25 10.19 9.31
N ARG C 68 -20.96 10.88 10.41
CA ARG C 68 -19.61 11.35 10.71
C ARG C 68 -18.66 10.16 10.63
N ASP C 69 -18.96 9.09 11.34
CA ASP C 69 -18.10 7.92 11.32
C ASP C 69 -17.86 7.36 9.93
N ALA C 70 -18.92 7.19 9.15
CA ALA C 70 -18.80 6.64 7.80
C ALA C 70 -18.05 7.56 6.83
N THR C 71 -18.24 8.86 7.00
CA THR C 71 -17.60 9.85 6.14
C THR C 71 -16.10 9.97 6.44
N TYR C 72 -15.79 10.08 7.73
CA TYR C 72 -14.41 10.17 8.18
C TYR C 72 -13.67 8.91 7.71
N GLN C 73 -14.32 7.77 7.89
CA GLN C 73 -13.71 6.51 7.48
C GLN C 73 -13.54 6.39 5.97
N ASN C 74 -14.50 6.91 5.20
CA ASN C 74 -14.37 6.81 3.75
C ASN C 74 -13.12 7.56 3.28
N ASP C 75 -12.71 8.56 4.07
CA ASP C 75 -11.53 9.35 3.73
C ASP C 75 -10.27 8.56 4.09
N LEU C 76 -10.23 7.97 5.27
CA LEU C 76 -9.07 7.17 5.68
C LEU C 76 -8.88 6.03 4.69
N THR C 77 -9.99 5.44 4.27
CA THR C 77 -9.95 4.35 3.31
C THR C 77 -9.27 4.85 2.05
N GLY C 78 -9.60 6.07 1.63
CA GLY C 78 -8.99 6.64 0.44
C GLY C 78 -7.52 6.88 0.67
N ILE C 79 -7.17 7.31 1.88
CA ILE C 79 -5.77 7.54 2.21
C ILE C 79 -5.05 6.21 2.22
N SER C 80 -5.72 5.19 2.76
CA SER C 80 -5.15 3.86 2.85
C SER C 80 -4.86 3.24 1.49
N ASN C 81 -5.81 3.38 0.56
CA ASN C 81 -5.69 2.82 -0.79
C ASN C 81 -4.76 3.62 -1.67
N ALA C 82 -4.67 4.91 -1.38
CA ALA C 82 -3.84 5.81 -2.18
C ALA C 82 -2.34 5.55 -2.05
N THR C 83 -1.60 5.76 -3.13
CA THR C 83 -0.14 5.59 -3.11
C THR C 83 0.49 6.95 -2.80
N CYS C 84 -0.23 8.04 -3.08
CA CYS C 84 0.29 9.36 -2.82
C CYS C 84 -0.83 10.34 -2.64
N GLY C 85 -0.52 11.45 -1.97
CA GLY C 85 -1.50 12.49 -1.74
C GLY C 85 -1.19 13.76 -2.55
N VAL C 86 -2.23 14.38 -3.09
CA VAL C 86 -2.11 15.64 -3.83
C VAL C 86 -3.05 16.61 -3.12
N PHE C 87 -2.51 17.66 -2.52
CA PHE C 87 -3.33 18.62 -1.79
C PHE C 87 -3.40 20.01 -2.45
N LEU C 88 -4.61 20.46 -2.76
CA LEU C 88 -4.85 21.79 -3.33
C LEU C 88 -4.90 22.64 -2.06
N TYR C 89 -3.74 23.15 -1.67
CA TYR C 89 -3.59 23.91 -0.43
C TYR C 89 -3.76 25.41 -0.50
N ASP C 90 -4.76 25.90 0.22
CA ASP C 90 -5.11 27.32 0.27
C ASP C 90 -4.24 28.04 1.27
N MET C 91 -3.26 28.81 0.80
CA MET C 91 -2.38 29.55 1.69
C MET C 91 -3.09 30.79 2.27
N ASP C 92 -4.30 31.08 1.81
CA ASP C 92 -5.07 32.25 2.29
C ASP C 92 -6.02 31.88 3.42
N GLN C 93 -6.60 30.69 3.34
CA GLN C 93 -7.49 30.21 4.40
C GLN C 93 -7.11 28.78 4.69
N LEU C 94 -6.15 28.64 5.58
CA LEU C 94 -5.64 27.32 5.97
C LEU C 94 -6.74 26.34 6.35
N ASP C 95 -6.81 25.22 5.64
CA ASP C 95 -7.79 24.17 5.91
C ASP C 95 -7.17 23.11 6.81
N ASP C 96 -7.58 23.08 8.08
CA ASP C 96 -7.02 22.11 9.02
C ASP C 96 -7.36 20.66 8.67
N GLY C 97 -8.41 20.44 7.90
CA GLY C 97 -8.74 19.09 7.50
C GLY C 97 -7.57 18.58 6.65
N SER C 98 -7.22 19.35 5.62
CA SER C 98 -6.11 19.01 4.74
C SER C 98 -4.83 18.75 5.50
N ALA C 99 -4.52 19.63 6.45
CA ALA C 99 -3.32 19.51 7.26
C ALA C 99 -3.35 18.16 7.97
N PHE C 100 -4.52 17.82 8.51
CA PHE C 100 -4.69 16.57 9.23
C PHE C 100 -4.28 15.42 8.31
N GLU C 101 -4.87 15.44 7.11
CA GLU C 101 -4.63 14.41 6.11
C GLU C 101 -3.18 14.32 5.67
N ILE C 102 -2.49 15.45 5.61
CA ILE C 102 -1.09 15.45 5.22
C ILE C 102 -0.23 14.73 6.25
N GLY C 103 -0.45 15.02 7.53
CA GLY C 103 0.32 14.36 8.57
C GLY C 103 0.01 12.88 8.72
N PHE C 104 -1.26 12.53 8.48
CA PHE C 104 -1.69 11.15 8.56
C PHE C 104 -0.95 10.35 7.48
N MET C 105 -0.91 10.90 6.27
CA MET C 105 -0.21 10.23 5.20
C MET C 105 1.28 10.17 5.46
N ARG C 106 1.86 11.25 5.99
CA ARG C 106 3.30 11.20 6.24
C ARG C 106 3.62 10.17 7.34
N ALA C 107 2.75 10.01 8.32
CA ALA C 107 3.03 9.03 9.34
C ALA C 107 3.05 7.65 8.70
N MET C 108 2.37 7.52 7.56
CA MET C 108 2.33 6.24 6.87
C MET C 108 3.47 6.09 5.88
N HIS C 109 4.33 7.11 5.83
CA HIS C 109 5.48 7.16 4.93
C HIS C 109 5.06 7.34 3.49
N LYS C 110 3.84 7.82 3.27
CA LYS C 110 3.38 8.04 1.90
C LYS C 110 3.82 9.41 1.38
N PRO C 111 4.15 9.49 0.09
CA PRO C 111 4.57 10.75 -0.54
C PRO C 111 3.40 11.71 -0.59
N VAL C 112 3.67 13.00 -0.31
CA VAL C 112 2.63 14.03 -0.33
C VAL C 112 3.01 15.18 -1.26
N ILE C 113 2.13 15.52 -2.19
CA ILE C 113 2.40 16.60 -3.11
C ILE C 113 1.58 17.83 -2.76
N LEU C 114 2.27 18.93 -2.47
CA LEU C 114 1.60 20.16 -2.10
C LEU C 114 1.48 21.07 -3.32
N VAL C 115 0.26 21.56 -3.55
CA VAL C 115 -0.05 22.46 -4.64
C VAL C 115 -0.67 23.69 -3.97
N PRO C 116 0.18 24.62 -3.50
CA PRO C 116 -0.26 25.83 -2.82
C PRO C 116 -0.87 26.90 -3.74
N PHE C 117 -1.94 27.51 -3.26
CA PHE C 117 -2.66 28.55 -3.99
C PHE C 117 -2.86 29.76 -3.09
N THR C 118 -2.59 30.94 -3.64
CA THR C 118 -2.79 32.18 -2.89
C THR C 118 -3.41 33.20 -3.82
N GLU C 119 -4.35 33.98 -3.31
CA GLU C 119 -4.99 35.02 -4.10
C GLU C 119 -4.23 36.31 -3.85
N HIS C 120 -3.20 36.23 -3.01
CA HIS C 120 -2.39 37.38 -2.66
C HIS C 120 -0.90 37.16 -2.88
N PRO C 121 -0.48 36.99 -4.14
CA PRO C 121 0.93 36.76 -4.47
C PRO C 121 1.83 37.90 -4.00
N GLU C 122 1.24 39.02 -3.60
CA GLU C 122 2.04 40.15 -3.13
C GLU C 122 2.38 40.00 -1.65
N LYS C 123 1.62 39.17 -0.96
CA LYS C 123 1.88 38.98 0.45
C LYS C 123 3.09 38.08 0.67
N GLU C 124 3.64 38.18 1.87
CA GLU C 124 4.81 37.40 2.26
C GLU C 124 4.59 35.89 2.07
N LYS C 125 5.65 35.19 1.64
CA LYS C 125 5.60 33.75 1.42
C LYS C 125 6.09 33.08 2.69
N LYS C 126 5.18 32.46 3.43
CA LYS C 126 5.55 31.78 4.67
C LYS C 126 4.84 30.47 4.79
N MET C 127 5.44 29.55 5.52
CA MET C 127 4.83 28.25 5.68
C MET C 127 5.16 27.64 7.02
N ASN C 128 4.21 26.92 7.58
CA ASN C 128 4.40 26.29 8.87
C ASN C 128 5.43 25.18 8.63
N LEU C 129 6.45 25.11 9.49
CA LEU C 129 7.50 24.10 9.37
C LEU C 129 6.98 22.68 9.15
N MET C 130 5.94 22.30 9.88
CA MET C 130 5.42 20.94 9.74
C MET C 130 4.99 20.62 8.32
N ILE C 131 4.42 21.60 7.63
CA ILE C 131 3.97 21.37 6.27
C ILE C 131 5.15 21.39 5.32
N ALA C 132 5.98 22.44 5.47
CA ALA C 132 7.16 22.64 4.63
C ALA C 132 8.15 21.49 4.70
N GLN C 133 8.24 20.86 5.86
CA GLN C 133 9.14 19.72 6.02
C GLN C 133 8.43 18.39 5.75
N GLY C 134 7.16 18.27 6.17
CA GLY C 134 6.42 17.04 5.96
C GLY C 134 6.15 16.72 4.50
N VAL C 135 5.90 17.76 3.72
CA VAL C 135 5.61 17.62 2.28
C VAL C 135 6.86 17.09 1.58
N THR C 136 6.65 16.22 0.59
CA THR C 136 7.77 15.62 -0.13
C THR C 136 8.01 16.26 -1.49
N THR C 137 6.96 16.83 -2.07
CA THR C 137 7.06 17.51 -3.36
C THR C 137 6.09 18.69 -3.45
N ILE C 138 6.59 19.85 -3.86
CA ILE C 138 5.75 21.02 -3.99
C ILE C 138 5.60 21.36 -5.47
N ILE C 139 4.40 21.75 -5.85
CA ILE C 139 4.08 22.15 -7.21
C ILE C 139 3.14 23.34 -7.09
N ASP C 140 3.70 24.53 -7.26
CA ASP C 140 2.95 25.76 -7.13
C ASP C 140 1.65 25.78 -7.93
N GLY C 141 0.54 25.86 -7.22
CA GLY C 141 -0.75 25.89 -7.88
C GLY C 141 -0.89 27.10 -8.76
N ASN C 142 -0.41 28.24 -8.29
CA ASN C 142 -0.53 29.47 -9.06
C ASN C 142 0.33 29.50 -10.31
N THR C 143 1.40 28.74 -10.33
CA THR C 143 2.31 28.77 -11.45
C THR C 143 2.50 27.50 -12.29
N GLU C 144 2.50 26.36 -11.63
CA GLU C 144 2.73 25.10 -12.33
C GLU C 144 1.57 24.13 -12.20
N PHE C 145 0.37 24.64 -11.98
CA PHE C 145 -0.78 23.79 -11.82
C PHE C 145 -0.87 22.72 -12.89
N GLU C 146 -0.46 23.09 -14.10
CA GLU C 146 -0.50 22.20 -15.26
C GLU C 146 0.37 20.96 -15.13
N LYS C 147 1.44 21.05 -14.35
CA LYS C 147 2.35 19.92 -14.16
C LYS C 147 1.66 18.65 -13.66
N LEU C 148 0.53 18.80 -12.99
CA LEU C 148 -0.20 17.65 -12.49
C LEU C 148 -0.53 16.66 -13.60
N ALA C 149 -0.49 17.13 -14.85
CA ALA C 149 -0.79 16.26 -15.99
C ALA C 149 0.42 15.50 -16.48
N ASP C 150 1.62 15.95 -16.10
CA ASP C 150 2.86 15.31 -16.54
C ASP C 150 3.59 14.57 -15.43
N TYR C 151 3.33 14.95 -14.19
CA TYR C 151 4.00 14.35 -13.06
C TYR C 151 3.89 12.82 -13.03
N ASN C 152 5.04 12.15 -12.96
CA ASN C 152 5.06 10.69 -12.93
C ASN C 152 4.67 10.17 -11.54
N PHE C 153 3.39 9.87 -11.36
CA PHE C 153 2.88 9.36 -10.10
C PHE C 153 3.27 7.92 -9.81
N ASN C 154 4.06 7.32 -10.71
CA ASN C 154 4.51 5.95 -10.49
C ASN C 154 5.69 5.97 -9.52
N GLU C 155 6.34 7.14 -9.41
CA GLU C 155 7.50 7.24 -8.53
C GLU C 155 7.47 8.48 -7.66
N CYS C 156 6.63 9.45 -7.99
CA CYS C 156 6.54 10.68 -7.22
C CYS C 156 7.90 11.25 -6.82
N PRO C 157 8.70 11.70 -7.79
CA PRO C 157 10.02 12.26 -7.45
C PRO C 157 9.83 13.46 -6.52
N SER C 158 10.69 13.57 -5.53
CA SER C 158 10.57 14.65 -4.57
C SER C 158 11.11 16.02 -5.02
N ASN C 159 10.60 17.06 -4.37
CA ASN C 159 11.01 18.43 -4.68
C ASN C 159 10.75 19.21 -3.40
N PRO C 160 11.73 19.22 -2.51
CA PRO C 160 11.66 19.91 -1.20
C PRO C 160 11.15 21.35 -1.29
N VAL C 161 10.30 21.74 -0.34
CA VAL C 161 9.77 23.09 -0.30
C VAL C 161 10.93 24.04 -0.05
N ARG C 162 10.94 25.15 -0.79
CA ARG C 162 12.01 26.13 -0.63
C ARG C 162 11.48 27.51 -1.02
N GLY C 163 12.16 28.58 -0.59
CA GLY C 163 11.71 29.90 -0.95
C GLY C 163 10.59 30.45 -0.08
N TYR C 164 10.28 29.71 0.99
CA TYR C 164 9.23 30.10 1.92
C TYR C 164 9.79 30.45 3.26
N GLY C 165 9.27 31.51 3.87
CA GLY C 165 9.72 31.84 5.21
C GLY C 165 9.16 30.72 6.08
N ILE C 166 9.82 30.38 7.18
CA ILE C 166 9.34 29.33 8.05
C ILE C 166 9.12 29.77 9.49
N TYR C 167 7.91 29.56 10.00
CA TYR C 167 7.56 29.97 11.37
C TYR C 167 7.17 28.81 12.28
N9 BP1 D . -2.75 -21.52 5.25
C4 BP1 D . -3.16 -22.00 6.49
N3 BP1 D . -3.02 -23.29 7.02
C2 BP1 D . -3.55 -23.43 8.28
N1 BP1 D . -4.19 -22.40 9.00
C6 BP1 D . -4.32 -21.12 8.44
BR BP1 D . -4.96 -20.10 9.18
C5 BP1 D . -3.78 -20.86 7.10
N7 BP1 D . -3.73 -19.73 6.28
C8 BP1 D . -3.11 -20.20 5.21
N9 BP1 E . 19.85 7.24 -4.48
C4 BP1 E . 21.16 7.32 -4.06
N3 BP1 E . 22.17 8.18 -4.52
C2 BP1 E . 23.37 8.01 -3.89
N1 BP1 E . 23.61 7.07 -2.88
C6 BP1 E . 22.58 6.21 -2.43
BR BP1 E . 22.86 5.26 -1.40
C5 BP1 E . 21.26 6.33 -3.04
N7 BP1 E . 20.03 5.68 -2.86
C8 BP1 E . 19.27 6.27 -3.74
N9 BP1 F . -13.42 16.26 5.03
C4 BP1 F . -14.32 15.52 4.27
N3 BP1 F . -14.07 14.41 3.42
C2 BP1 F . -15.20 13.91 2.79
N1 BP1 F . -16.47 14.42 2.93
C6 BP1 F . -16.68 15.54 3.79
BR BP1 F . -17.95 16.05 3.94
C5 BP1 F . -15.56 16.14 4.50
N7 BP1 F . -15.43 17.23 5.40
C8 BP1 F . -14.16 17.23 5.66
#